data_4QMF
#
_entry.id   4QMF
#
_cell.length_a   49.097
_cell.length_b   67.923
_cell.length_c   81.414
_cell.angle_alpha   90.00
_cell.angle_beta   95.53
_cell.angle_gamma   90.00
#
_symmetry.space_group_name_H-M   'P 1 21 1'
#
loop_
_entity.id
_entity.type
_entity.pdbx_description
1 polymer 'KRR1 small subunit processome component'
2 polymer 'Protein FAF1'
3 water water
#
loop_
_entity_poly.entity_id
_entity_poly.type
_entity_poly.pdbx_seq_one_letter_code
_entity_poly.pdbx_strand_id
1 'polypeptide(L)'
;GQPFAEESSFMTLFPKYRESYLKTIWNDVTRALDKHNIACVLDLVEGSMTVKTTRKTYDPAIILKARDLIKLLARSVPFP
QAVKILQDDMACDVIKIGNFVTNKERFVKRRQRLVGPNGNTLKALELLTKCYILVQGNTVSAMGPFKGLKEVRRVVEDCM
KNIHPIYHIKELMIKRELAKRPELANEDWSR
;
D,B
2 'polypeptide(L)' PEAENLQNDLELQQFLRESHLLSAFNDDQVIGKARSRTLEMRLNRLSR A,C
#
# COMPACT_ATOMS: atom_id res chain seq x y z
N GLU A 7 -9.72 -27.13 -5.42
CA GLU A 7 -9.19 -25.84 -5.03
C GLU A 7 -8.63 -25.09 -6.24
N SER A 8 -9.14 -23.88 -6.47
CA SER A 8 -8.73 -23.08 -7.62
C SER A 8 -7.34 -22.52 -7.44
N SER A 9 -6.59 -22.41 -8.54
CA SER A 9 -5.22 -21.91 -8.49
C SER A 9 -4.80 -21.22 -9.78
N PHE A 10 -4.18 -20.05 -9.64
CA PHE A 10 -3.67 -19.31 -10.79
C PHE A 10 -2.20 -18.92 -10.57
N MET A 11 -1.42 -18.94 -11.65
CA MET A 11 0.00 -18.60 -11.56
C MET A 11 0.39 -17.62 -12.65
N THR A 12 1.47 -16.87 -12.41
CA THR A 12 2.00 -15.97 -13.43
C THR A 12 3.52 -15.86 -13.29
N LEU A 13 4.19 -15.68 -14.42
CA LEU A 13 5.64 -15.54 -14.42
C LEU A 13 6.02 -14.07 -14.36
N PHE A 14 7.07 -13.75 -13.63
CA PHE A 14 7.59 -12.40 -13.58
C PHE A 14 9.07 -12.37 -13.99
N PRO A 15 9.48 -11.33 -14.71
CA PRO A 15 10.88 -11.18 -15.12
C PRO A 15 11.80 -10.96 -13.93
N LYS A 16 13.09 -11.26 -14.10
CA LYS A 16 14.04 -11.23 -12.98
C LYS A 16 14.16 -9.85 -12.36
N TYR A 17 14.16 -8.81 -13.19
CA TYR A 17 14.38 -7.44 -12.71
C TYR A 17 13.28 -6.95 -11.76
N ARG A 18 12.25 -7.76 -11.57
CA ARG A 18 11.18 -7.41 -10.65
C ARG A 18 11.33 -8.13 -9.31
N GLU A 19 11.96 -9.30 -9.36
CA GLU A 19 12.12 -10.18 -8.21
C GLU A 19 12.33 -9.43 -6.89
N SER A 20 13.47 -8.74 -6.80
CA SER A 20 13.81 -7.91 -5.65
C SER A 20 12.59 -7.21 -5.04
N TYR A 21 11.95 -6.36 -5.85
CA TYR A 21 10.80 -5.59 -5.39
C TYR A 21 9.76 -6.51 -4.75
N LEU A 22 9.28 -7.49 -5.51
CA LEU A 22 8.28 -8.42 -5.01
C LEU A 22 8.77 -9.05 -3.70
N LYS A 23 10.04 -9.45 -3.70
CA LYS A 23 10.60 -10.13 -2.55
C LYS A 23 10.48 -9.34 -1.24
N THR A 24 10.44 -8.01 -1.34
CA THR A 24 10.37 -7.19 -0.12
C THR A 24 8.97 -6.73 0.19
N ILE A 25 8.07 -6.83 -0.77
CA ILE A 25 6.69 -6.40 -0.55
C ILE A 25 5.73 -7.57 -0.37
N TRP A 26 6.25 -8.79 -0.53
CA TRP A 26 5.41 -9.98 -0.53
C TRP A 26 4.64 -10.12 0.78
N ASN A 27 5.30 -9.84 1.89
CA ASN A 27 4.64 -9.86 3.20
C ASN A 27 3.36 -9.03 3.23
N ASP A 28 3.34 -7.92 2.51
CA ASP A 28 2.11 -7.13 2.45
C ASP A 28 1.08 -7.88 1.62
N VAL A 29 1.52 -8.33 0.43
CA VAL A 29 0.65 -9.09 -0.47
C VAL A 29 -0.15 -10.18 0.25
N THR A 30 0.53 -11.15 0.86
CA THR A 30 -0.17 -12.21 1.57
C THR A 30 -1.11 -11.62 2.62
N ARG A 31 -0.66 -10.60 3.34
CA ARG A 31 -1.55 -9.94 4.29
C ARG A 31 -2.81 -9.46 3.59
N ALA A 32 -2.63 -8.72 2.49
CA ALA A 32 -3.76 -8.22 1.71
C ALA A 32 -4.63 -9.37 1.19
N LEU A 33 -3.99 -10.50 0.92
CA LEU A 33 -4.72 -11.69 0.47
C LEU A 33 -5.31 -12.46 1.65
N ASP A 34 -4.68 -12.35 2.83
CA ASP A 34 -5.12 -13.09 4.00
C ASP A 34 -6.50 -12.62 4.49
N LYS A 35 -6.88 -11.40 4.16
CA LYS A 35 -8.20 -10.89 4.54
C LYS A 35 -9.30 -11.54 3.70
N HIS A 36 -8.90 -12.32 2.70
CA HIS A 36 -9.86 -13.08 1.90
C HIS A 36 -9.59 -14.57 2.03
N ASN A 37 -8.70 -14.93 2.95
CA ASN A 37 -8.29 -16.32 3.17
C ASN A 37 -7.75 -16.98 1.90
N ILE A 38 -7.11 -16.18 1.05
CA ILE A 38 -6.48 -16.69 -0.16
C ILE A 38 -4.98 -16.90 0.08
N ALA A 39 -4.49 -18.09 -0.24
CA ALA A 39 -3.07 -18.39 -0.07
C ALA A 39 -2.28 -17.89 -1.28
N CYS A 40 -1.01 -17.56 -1.07
CA CYS A 40 -0.14 -17.12 -2.15
C CYS A 40 1.31 -17.51 -1.90
N VAL A 41 2.01 -17.84 -2.97
CA VAL A 41 3.38 -18.31 -2.89
C VAL A 41 4.25 -17.64 -3.95
N LEU A 42 5.42 -17.16 -3.52
CA LEU A 42 6.39 -16.54 -4.40
C LEU A 42 7.56 -17.47 -4.68
N ASP A 43 7.50 -18.18 -5.80
CA ASP A 43 8.56 -19.11 -6.18
C ASP A 43 9.72 -18.36 -6.82
N LEU A 44 10.88 -18.42 -6.19
CA LEU A 44 12.05 -17.68 -6.66
C LEU A 44 12.93 -18.52 -7.59
N VAL A 45 12.65 -19.82 -7.63
CA VAL A 45 13.36 -20.72 -8.54
C VAL A 45 12.72 -20.65 -9.92
N GLU A 46 11.42 -20.91 -9.95
CA GLU A 46 10.63 -20.82 -11.18
C GLU A 46 10.48 -19.38 -11.62
N GLY A 47 10.54 -18.47 -10.65
CA GLY A 47 10.34 -17.06 -10.92
C GLY A 47 8.88 -16.78 -11.19
N SER A 48 8.02 -17.18 -10.26
CA SER A 48 6.58 -17.04 -10.47
C SER A 48 5.83 -16.65 -9.19
N MET A 49 4.65 -16.06 -9.37
CA MET A 49 3.72 -15.81 -8.28
C MET A 49 2.50 -16.70 -8.46
N THR A 50 1.99 -17.26 -7.36
CA THR A 50 0.84 -18.14 -7.45
C THR A 50 -0.17 -17.83 -6.35
N VAL A 51 -1.44 -17.73 -6.72
CA VAL A 51 -2.51 -17.55 -5.74
C VAL A 51 -3.50 -18.72 -5.82
N LYS A 52 -4.07 -19.09 -4.67
CA LYS A 52 -5.02 -20.20 -4.63
C LYS A 52 -6.01 -20.10 -3.47
N THR A 53 -7.18 -20.68 -3.68
CA THR A 53 -8.23 -20.70 -2.66
C THR A 53 -7.91 -21.70 -1.57
N THR A 54 -8.70 -21.66 -0.49
CA THR A 54 -8.52 -22.59 0.62
C THR A 54 -9.86 -23.19 1.02
N ARG A 55 -9.87 -23.86 2.17
CA ARG A 55 -11.11 -24.40 2.71
C ARG A 55 -11.86 -23.33 3.49
N LYS A 56 -11.20 -22.18 3.68
CA LYS A 56 -11.78 -21.10 4.47
C LYS A 56 -12.11 -19.86 3.64
N THR A 57 -12.01 -19.97 2.31
CA THR A 57 -12.41 -18.89 1.42
C THR A 57 -13.92 -18.74 1.41
N TYR A 58 -14.41 -17.59 1.87
CA TYR A 58 -15.85 -17.34 1.93
C TYR A 58 -16.44 -17.20 0.53
N ASP A 59 -15.87 -16.29 -0.27
CA ASP A 59 -16.31 -16.11 -1.65
C ASP A 59 -15.17 -16.45 -2.61
N PRO A 60 -15.20 -17.65 -3.20
CA PRO A 60 -14.15 -18.10 -4.12
C PRO A 60 -13.95 -17.20 -5.33
N ALA A 61 -15.01 -16.51 -5.75
CA ALA A 61 -14.95 -15.64 -6.93
C ALA A 61 -13.82 -14.62 -6.86
N ILE A 62 -13.50 -14.19 -5.65
CA ILE A 62 -12.46 -13.19 -5.42
C ILE A 62 -11.09 -13.65 -5.97
N ILE A 63 -10.93 -14.96 -6.16
CA ILE A 63 -9.69 -15.49 -6.71
C ILE A 63 -9.41 -14.87 -8.07
N LEU A 64 -10.47 -14.57 -8.82
CA LEU A 64 -10.31 -13.93 -10.13
C LEU A 64 -9.61 -12.59 -9.94
N LYS A 65 -10.08 -11.82 -8.96
CA LYS A 65 -9.41 -10.56 -8.62
C LYS A 65 -7.98 -10.84 -8.20
N ALA A 66 -7.79 -11.90 -7.42
CA ALA A 66 -6.47 -12.26 -6.95
C ALA A 66 -5.60 -12.71 -8.11
N ARG A 67 -6.23 -13.16 -9.20
CA ARG A 67 -5.50 -13.52 -10.41
C ARG A 67 -4.99 -12.27 -11.09
N ASP A 68 -5.77 -11.19 -11.00
CA ASP A 68 -5.39 -9.93 -11.63
C ASP A 68 -4.23 -9.27 -10.88
N LEU A 69 -4.36 -9.20 -9.56
CA LEU A 69 -3.34 -8.62 -8.68
C LEU A 69 -1.92 -9.00 -9.11
N ILE A 70 -1.56 -10.26 -8.93
CA ILE A 70 -0.22 -10.74 -9.26
C ILE A 70 0.15 -10.42 -10.70
N LYS A 71 -0.83 -10.50 -11.61
CA LYS A 71 -0.59 -10.15 -13.00
C LYS A 71 -0.06 -8.73 -13.08
N LEU A 72 -0.80 -7.80 -12.47
CA LEU A 72 -0.37 -6.41 -12.37
C LEU A 72 1.00 -6.31 -11.71
N LEU A 73 1.24 -7.14 -10.70
CA LEU A 73 2.52 -7.12 -10.00
C LEU A 73 3.64 -7.57 -10.92
N ALA A 74 3.32 -8.48 -11.84
CA ALA A 74 4.33 -9.03 -12.74
C ALA A 74 4.76 -8.02 -13.79
N ARG A 75 3.90 -7.05 -14.06
CA ARG A 75 4.17 -6.06 -15.10
C ARG A 75 4.44 -4.68 -14.50
N SER A 76 5.12 -4.69 -13.36
CA SER A 76 5.66 -3.48 -12.72
C SER A 76 4.62 -2.48 -12.23
N VAL A 77 3.39 -2.93 -12.00
CA VAL A 77 2.41 -2.08 -11.35
C VAL A 77 2.67 -2.06 -9.84
N PRO A 78 2.89 -0.86 -9.29
CA PRO A 78 3.15 -0.66 -7.86
C PRO A 78 2.08 -1.30 -6.99
N PHE A 79 2.50 -1.91 -5.88
CA PHE A 79 1.62 -2.63 -4.97
C PHE A 79 0.41 -1.80 -4.46
N PRO A 80 0.66 -0.56 -3.96
CA PRO A 80 -0.48 0.19 -3.43
C PRO A 80 -1.53 0.51 -4.50
N GLN A 81 -1.10 0.57 -5.75
CA GLN A 81 -2.03 0.78 -6.87
C GLN A 81 -2.64 -0.55 -7.29
N ALA A 82 -1.85 -1.62 -7.16
CA ALA A 82 -2.26 -2.94 -7.63
C ALA A 82 -3.37 -3.56 -6.78
N VAL A 83 -3.26 -3.45 -5.47
CA VAL A 83 -4.24 -4.11 -4.58
C VAL A 83 -5.62 -3.48 -4.61
N LYS A 84 -5.76 -2.37 -5.34
CA LYS A 84 -7.06 -1.74 -5.50
C LYS A 84 -7.98 -2.61 -6.33
N ILE A 85 -7.39 -3.58 -7.04
CA ILE A 85 -8.15 -4.50 -7.88
C ILE A 85 -9.05 -5.40 -7.03
N LEU A 86 -8.73 -5.55 -5.75
CA LEU A 86 -9.52 -6.40 -4.86
C LEU A 86 -10.84 -5.74 -4.50
N GLN A 87 -10.94 -4.43 -4.76
CA GLN A 87 -12.19 -3.71 -4.56
C GLN A 87 -13.20 -4.14 -5.62
N ASP A 88 -14.48 -4.14 -5.25
CA ASP A 88 -15.52 -4.65 -6.13
C ASP A 88 -15.66 -3.85 -7.42
N ASP A 89 -15.44 -2.54 -7.35
CA ASP A 89 -15.71 -1.65 -8.47
C ASP A 89 -14.56 -1.59 -9.48
N MET A 90 -13.33 -1.80 -9.01
CA MET A 90 -12.15 -1.71 -9.86
C MET A 90 -12.05 -2.82 -10.90
N ALA A 91 -11.72 -2.43 -12.13
CA ALA A 91 -11.41 -3.41 -13.17
C ALA A 91 -10.00 -3.18 -13.68
N CYS A 92 -9.45 -4.17 -14.39
CA CYS A 92 -8.09 -4.04 -14.92
C CYS A 92 -8.00 -4.60 -16.33
N ASP A 93 -6.87 -4.35 -16.98
CA ASP A 93 -6.66 -4.80 -18.35
C ASP A 93 -5.18 -4.70 -18.73
N VAL A 94 -4.54 -5.83 -18.96
CA VAL A 94 -3.17 -5.86 -19.44
C VAL A 94 -3.17 -6.00 -20.97
N ILE A 95 -2.78 -4.93 -21.65
CA ILE A 95 -2.84 -4.88 -23.11
C ILE A 95 -1.49 -5.16 -23.76
N LYS A 96 -1.36 -6.31 -24.40
CA LYS A 96 -0.10 -6.67 -25.05
C LYS A 96 0.09 -5.90 -26.36
N ILE A 97 1.26 -5.29 -26.52
CA ILE A 97 1.52 -4.43 -27.66
C ILE A 97 2.74 -4.88 -28.48
N GLY A 98 3.20 -6.09 -28.22
CA GLY A 98 4.41 -6.59 -28.87
C GLY A 98 4.19 -7.21 -30.25
N ASN A 99 2.97 -7.67 -30.52
CA ASN A 99 2.69 -8.38 -31.75
C ASN A 99 1.97 -7.53 -32.80
N PHE A 100 2.19 -6.22 -32.76
CA PHE A 100 1.63 -5.32 -33.76
C PHE A 100 2.68 -4.96 -34.80
N VAL A 101 3.94 -4.92 -34.37
CA VAL A 101 5.03 -4.53 -35.26
C VAL A 101 6.08 -5.63 -35.37
N THR A 102 6.45 -5.97 -36.60
CA THR A 102 7.50 -6.94 -36.84
C THR A 102 8.87 -6.32 -36.56
N ASN A 103 9.01 -5.06 -36.92
CA ASN A 103 10.24 -4.30 -36.67
C ASN A 103 10.46 -4.09 -35.18
N LYS A 104 11.69 -3.76 -34.80
CA LYS A 104 12.03 -3.55 -33.39
C LYS A 104 11.97 -2.08 -33.00
N GLU A 105 12.70 -1.23 -33.73
CA GLU A 105 12.81 0.18 -33.37
C GLU A 105 11.67 1.03 -33.94
N ARG A 106 10.72 0.39 -34.61
CA ARG A 106 9.48 1.06 -34.99
C ARG A 106 8.48 0.94 -33.85
N PHE A 107 8.50 -0.23 -33.21
CA PHE A 107 7.72 -0.49 -32.01
C PHE A 107 8.07 0.52 -30.93
N VAL A 108 9.37 0.80 -30.81
CA VAL A 108 9.86 1.80 -29.87
C VAL A 108 9.27 3.17 -30.19
N LYS A 109 9.28 3.53 -31.47
CA LYS A 109 8.72 4.80 -31.91
C LYS A 109 7.25 4.93 -31.55
N ARG A 110 6.46 3.92 -31.91
CA ARG A 110 5.03 3.98 -31.71
C ARG A 110 4.65 3.95 -30.23
N ARG A 111 5.35 3.13 -29.45
CA ARG A 111 5.13 3.10 -28.00
C ARG A 111 5.45 4.48 -27.40
N GLN A 112 6.63 4.99 -27.77
CA GLN A 112 7.04 6.35 -27.40
C GLN A 112 5.96 7.38 -27.72
N ARG A 113 5.32 7.23 -28.87
CA ARG A 113 4.26 8.15 -29.27
C ARG A 113 3.02 7.91 -28.41
N LEU A 114 2.86 6.69 -27.90
CA LEU A 114 1.76 6.39 -27.01
C LEU A 114 1.95 7.09 -25.66
N VAL A 115 3.17 7.07 -25.12
CA VAL A 115 3.42 7.81 -23.88
C VAL A 115 3.67 9.29 -24.16
N GLY A 116 4.40 9.58 -25.23
CA GLY A 116 4.63 10.95 -25.64
C GLY A 116 5.71 11.65 -24.84
N PRO A 117 5.92 12.94 -25.13
CA PRO A 117 6.90 13.79 -24.44
C PRO A 117 6.53 14.01 -22.97
N ASN A 118 7.47 13.75 -22.07
CA ASN A 118 7.27 13.86 -20.63
C ASN A 118 6.09 13.04 -20.12
N GLY A 119 5.66 12.07 -20.91
CA GLY A 119 4.53 11.23 -20.57
C GLY A 119 3.20 11.97 -20.64
N ASN A 120 3.26 13.23 -21.07
CA ASN A 120 2.08 14.09 -21.07
C ASN A 120 0.83 13.47 -21.68
N THR A 121 0.94 13.02 -22.93
CA THR A 121 -0.19 12.38 -23.60
C THR A 121 -0.75 11.25 -22.73
N LEU A 122 0.14 10.39 -22.22
CA LEU A 122 -0.30 9.32 -21.31
C LEU A 122 -1.15 9.90 -20.20
N LYS A 123 -0.59 10.89 -19.50
CA LYS A 123 -1.31 11.56 -18.42
C LYS A 123 -2.68 12.04 -18.90
N ALA A 124 -2.70 12.68 -20.07
CA ALA A 124 -3.93 13.18 -20.63
C ALA A 124 -4.92 12.03 -20.78
N LEU A 125 -4.45 10.94 -21.36
CA LEU A 125 -5.25 9.72 -21.48
C LEU A 125 -5.83 9.36 -20.11
N GLU A 126 -4.95 9.30 -19.11
CA GLU A 126 -5.34 8.94 -17.76
C GLU A 126 -6.43 9.85 -17.22
N LEU A 127 -6.39 11.13 -17.60
CA LEU A 127 -7.34 12.10 -17.07
C LEU A 127 -8.64 12.13 -17.88
N LEU A 128 -8.64 11.50 -19.04
CA LEU A 128 -9.84 11.51 -19.88
C LEU A 128 -10.62 10.20 -19.77
N THR A 129 -9.93 9.11 -19.49
CA THR A 129 -10.58 7.81 -19.29
C THR A 129 -10.73 7.50 -17.81
N LYS A 130 -10.18 8.37 -16.97
CA LYS A 130 -10.24 8.24 -15.52
C LYS A 130 -9.64 6.91 -15.05
N CYS A 131 -8.51 6.54 -15.66
CA CYS A 131 -7.86 5.28 -15.34
C CYS A 131 -6.38 5.44 -15.02
N TYR A 132 -5.85 4.49 -14.27
CA TYR A 132 -4.42 4.37 -14.08
C TYR A 132 -3.84 3.61 -15.27
N ILE A 133 -2.77 4.13 -15.85
CA ILE A 133 -2.12 3.47 -16.97
C ILE A 133 -0.61 3.41 -16.77
N LEU A 134 -0.02 2.27 -17.09
CA LEU A 134 1.43 2.10 -16.97
C LEU A 134 1.98 1.32 -18.15
N VAL A 135 2.94 1.92 -18.85
CA VAL A 135 3.58 1.25 -19.98
C VAL A 135 4.86 0.54 -19.51
N GLN A 136 4.96 -0.75 -19.81
CA GLN A 136 6.13 -1.53 -19.44
C GLN A 136 6.42 -2.63 -20.47
N GLY A 137 7.58 -2.51 -21.11
CA GLY A 137 8.02 -3.49 -22.09
C GLY A 137 7.04 -3.67 -23.23
N ASN A 138 6.42 -4.85 -23.29
CA ASN A 138 5.48 -5.17 -24.35
C ASN A 138 4.04 -5.13 -23.87
N THR A 139 3.81 -4.53 -22.70
CA THR A 139 2.46 -4.45 -22.15
C THR A 139 2.09 -3.05 -21.66
N VAL A 140 0.78 -2.79 -21.69
CA VAL A 140 0.22 -1.57 -21.12
C VAL A 140 -0.84 -1.94 -20.10
N SER A 141 -0.51 -1.77 -18.82
CA SER A 141 -1.42 -2.16 -17.74
C SER A 141 -2.34 -1.01 -17.37
N ALA A 142 -3.65 -1.28 -17.43
CA ALA A 142 -4.66 -0.27 -17.18
C ALA A 142 -5.59 -0.70 -16.06
N MET A 143 -6.11 0.28 -15.32
CA MET A 143 -6.91 0.01 -14.14
C MET A 143 -7.95 1.10 -13.92
N GLY A 144 -9.23 0.71 -13.93
CA GLY A 144 -10.29 1.64 -13.61
C GLY A 144 -11.67 1.13 -13.97
N PRO A 145 -12.55 2.05 -14.40
CA PRO A 145 -13.89 1.74 -14.90
C PRO A 145 -13.84 1.02 -16.24
N PHE A 146 -14.83 0.18 -16.50
CA PHE A 146 -14.86 -0.65 -17.70
C PHE A 146 -14.86 0.17 -19.00
N LYS A 147 -15.70 1.19 -19.06
CA LYS A 147 -15.77 2.05 -20.24
C LYS A 147 -14.43 2.72 -20.53
N GLY A 148 -13.86 3.33 -19.49
CA GLY A 148 -12.55 3.95 -19.60
C GLY A 148 -11.49 2.96 -20.07
N LEU A 149 -11.59 1.72 -19.63
CA LEU A 149 -10.66 0.68 -20.05
C LEU A 149 -10.83 0.35 -21.53
N LYS A 150 -12.08 0.32 -21.98
CA LYS A 150 -12.34 0.10 -23.40
C LYS A 150 -11.72 1.21 -24.22
N GLU A 151 -11.92 2.45 -23.80
CA GLU A 151 -11.31 3.60 -24.49
C GLU A 151 -9.79 3.50 -24.52
N VAL A 152 -9.19 3.17 -23.37
CA VAL A 152 -7.73 3.01 -23.31
C VAL A 152 -7.26 1.94 -24.28
N ARG A 153 -7.97 0.81 -24.33
CA ARG A 153 -7.58 -0.28 -25.21
C ARG A 153 -7.67 0.13 -26.68
N ARG A 154 -8.74 0.85 -27.03
CA ARG A 154 -8.89 1.35 -28.39
C ARG A 154 -7.73 2.28 -28.76
N VAL A 155 -7.44 3.23 -27.86
CA VAL A 155 -6.38 4.21 -28.12
C VAL A 155 -5.01 3.56 -28.27
N VAL A 156 -4.69 2.64 -27.37
CA VAL A 156 -3.40 1.97 -27.39
C VAL A 156 -3.24 1.09 -28.63
N GLU A 157 -4.23 0.23 -28.86
CA GLU A 157 -4.20 -0.68 -30.00
C GLU A 157 -4.11 0.09 -31.32
N ASP A 158 -4.90 1.16 -31.46
CA ASP A 158 -4.81 1.98 -32.66
C ASP A 158 -3.47 2.69 -32.77
N CYS A 159 -2.90 3.09 -31.63
CA CYS A 159 -1.60 3.76 -31.63
C CYS A 159 -0.49 2.84 -32.11
N MET A 160 -0.61 1.55 -31.80
CA MET A 160 0.35 0.58 -32.28
C MET A 160 0.15 0.22 -33.76
N LYS A 161 -1.00 0.57 -34.31
CA LYS A 161 -1.26 0.36 -35.73
C LYS A 161 -1.04 1.64 -36.53
N ASN A 162 -0.18 2.53 -36.01
CA ASN A 162 0.14 3.79 -36.66
C ASN A 162 -1.09 4.69 -36.88
N ILE A 163 -1.94 4.78 -35.87
CA ILE A 163 -3.01 5.78 -35.87
C ILE A 163 -2.75 6.74 -34.71
N HIS A 164 -2.51 8.01 -35.04
CA HIS A 164 -2.09 8.97 -34.03
C HIS A 164 -3.17 9.22 -32.98
N PRO A 165 -2.76 9.22 -31.71
CA PRO A 165 -3.70 9.33 -30.58
C PRO A 165 -4.34 10.70 -30.43
N ILE A 166 -3.93 11.68 -31.25
CA ILE A 166 -4.44 13.04 -31.12
C ILE A 166 -5.95 13.10 -31.41
N TYR A 167 -6.39 12.30 -32.39
CA TYR A 167 -7.79 12.26 -32.78
C TYR A 167 -8.63 11.71 -31.63
N HIS A 168 -8.15 10.63 -31.03
CA HIS A 168 -8.79 10.01 -29.88
C HIS A 168 -8.87 10.96 -28.69
N ILE A 169 -7.75 11.63 -28.40
CA ILE A 169 -7.68 12.56 -27.28
C ILE A 169 -8.66 13.72 -27.47
N LYS A 170 -8.73 14.23 -28.70
CA LYS A 170 -9.66 15.31 -29.01
C LYS A 170 -11.11 14.85 -28.88
N GLU A 171 -11.41 13.66 -29.38
CA GLU A 171 -12.75 13.10 -29.29
C GLU A 171 -13.18 12.93 -27.83
N LEU A 172 -12.28 12.39 -27.03
CA LEU A 172 -12.53 12.20 -25.59
C LEU A 172 -12.68 13.54 -24.88
N MET A 173 -11.96 14.55 -25.37
CA MET A 173 -12.04 15.89 -24.81
C MET A 173 -13.44 16.46 -25.04
N ILE A 174 -13.89 16.36 -26.29
CA ILE A 174 -15.23 16.82 -26.65
C ILE A 174 -16.30 16.07 -25.86
N LYS A 175 -16.12 14.76 -25.71
CA LYS A 175 -17.05 13.96 -24.90
C LYS A 175 -17.08 14.43 -23.45
N ARG A 176 -15.92 14.71 -22.89
CA ARG A 176 -15.81 15.21 -21.52
C ARG A 176 -16.53 16.54 -21.37
N GLU A 177 -16.41 17.38 -22.39
CA GLU A 177 -17.02 18.71 -22.36
C GLU A 177 -18.54 18.64 -22.54
N LEU A 178 -19.00 17.66 -23.30
CA LEU A 178 -20.44 17.47 -23.53
C LEU A 178 -21.16 16.97 -22.28
N ALA A 179 -20.40 16.40 -21.36
CA ALA A 179 -20.96 15.80 -20.15
C ALA A 179 -21.15 16.81 -19.03
N LYS A 180 -21.12 18.09 -19.39
CA LYS A 180 -21.29 19.16 -18.41
C LYS A 180 -22.50 20.02 -18.72
N GLU B 7 9.72 25.51 4.21
CA GLU B 7 9.62 26.04 5.56
C GLU B 7 9.61 24.91 6.59
N SER B 8 8.43 24.32 6.81
CA SER B 8 8.26 23.28 7.82
C SER B 8 8.93 21.97 7.41
N SER B 9 9.78 21.44 8.29
CA SER B 9 10.48 20.20 8.00
C SER B 9 10.66 19.33 9.26
N PHE B 10 10.28 18.07 9.15
CA PHE B 10 10.49 17.11 10.23
C PHE B 10 11.35 15.95 9.74
N MET B 11 12.17 15.39 10.62
CA MET B 11 12.98 14.24 10.25
C MET B 11 12.99 13.18 11.35
N THR B 12 13.19 11.93 10.95
CA THR B 12 13.27 10.83 11.90
C THR B 12 14.40 9.88 11.51
N LEU B 13 14.89 9.11 12.48
CA LEU B 13 15.92 8.12 12.22
C LEU B 13 15.31 6.72 12.17
N PHE B 14 15.92 5.83 11.41
CA PHE B 14 15.47 4.45 11.37
C PHE B 14 16.65 3.49 11.51
N PRO B 15 16.40 2.31 12.11
CA PRO B 15 17.42 1.26 12.22
C PRO B 15 17.75 0.65 10.87
N LYS B 16 18.89 -0.02 10.77
CA LYS B 16 19.38 -0.52 9.49
C LYS B 16 18.52 -1.66 8.94
N TYR B 17 18.01 -2.53 9.82
CA TYR B 17 17.22 -3.67 9.36
C TYR B 17 15.94 -3.25 8.65
N ARG B 18 15.59 -1.97 8.76
CA ARG B 18 14.41 -1.44 8.09
C ARG B 18 14.77 -0.91 6.70
N GLU B 19 15.99 -0.42 6.58
CA GLU B 19 16.49 0.24 5.37
C GLU B 19 15.98 -0.38 4.08
N SER B 20 16.38 -1.62 3.83
CA SER B 20 15.97 -2.37 2.65
C SER B 20 14.52 -2.13 2.29
N TYR B 21 13.62 -2.45 3.21
CA TYR B 21 12.19 -2.30 2.98
C TYR B 21 11.89 -0.90 2.48
N LEU B 22 12.27 0.10 3.27
CA LEU B 22 12.02 1.49 2.91
C LEU B 22 12.57 1.78 1.53
N LYS B 23 13.79 1.30 1.28
CA LYS B 23 14.47 1.60 0.03
C LYS B 23 13.70 1.11 -1.19
N THR B 24 12.88 0.08 -1.02
CA THR B 24 12.14 -0.45 -2.15
C THR B 24 10.71 0.09 -2.22
N ILE B 25 10.26 0.72 -1.14
CA ILE B 25 8.90 1.24 -1.11
C ILE B 25 8.89 2.77 -1.10
N TRP B 26 10.08 3.37 -1.11
CA TRP B 26 10.19 4.82 -1.02
C TRP B 26 9.49 5.52 -2.17
N ASN B 27 9.58 4.94 -3.36
CA ASN B 27 8.88 5.48 -4.53
C ASN B 27 7.37 5.58 -4.29
N ASP B 28 6.83 4.64 -3.52
CA ASP B 28 5.41 4.64 -3.21
C ASP B 28 5.09 5.68 -2.15
N VAL B 29 6.08 6.02 -1.33
CA VAL B 29 5.92 7.04 -0.31
C VAL B 29 5.82 8.43 -0.92
N THR B 30 6.86 8.82 -1.67
CA THR B 30 6.90 10.14 -2.30
C THR B 30 5.70 10.38 -3.22
N ARG B 31 5.15 9.30 -3.76
CA ARG B 31 3.94 9.39 -4.56
C ARG B 31 2.74 9.76 -3.67
N ALA B 32 2.59 9.02 -2.58
CA ALA B 32 1.49 9.26 -1.65
C ALA B 32 1.59 10.65 -1.03
N LEU B 33 2.81 11.13 -0.80
CA LEU B 33 3.04 12.47 -0.31
C LEU B 33 2.84 13.51 -1.40
N ASP B 34 3.11 13.12 -2.65
CA ASP B 34 2.98 14.03 -3.78
C ASP B 34 1.54 14.51 -3.95
N LYS B 35 0.59 13.69 -3.51
CA LYS B 35 -0.82 14.05 -3.56
C LYS B 35 -1.11 15.28 -2.69
N HIS B 36 -0.29 15.48 -1.66
CA HIS B 36 -0.48 16.60 -0.75
C HIS B 36 0.61 17.65 -0.94
N ASN B 37 1.45 17.45 -1.96
CA ASN B 37 2.56 18.34 -2.26
C ASN B 37 3.54 18.50 -1.10
N ILE B 38 3.86 17.38 -0.45
CA ILE B 38 4.90 17.36 0.57
C ILE B 38 6.12 16.66 0.00
N ALA B 39 7.26 17.32 0.07
CA ALA B 39 8.51 16.72 -0.41
C ALA B 39 9.07 15.79 0.65
N CYS B 40 9.86 14.81 0.24
CA CYS B 40 10.46 13.88 1.18
C CYS B 40 11.77 13.33 0.65
N VAL B 41 12.77 13.24 1.52
CA VAL B 41 14.06 12.68 1.12
C VAL B 41 14.45 11.52 2.04
N LEU B 42 15.12 10.52 1.45
CA LEU B 42 15.59 9.36 2.18
C LEU B 42 17.11 9.32 2.16
N ASP B 43 17.72 9.59 3.31
CA ASP B 43 19.17 9.60 3.41
C ASP B 43 19.68 8.27 3.94
N LEU B 44 20.34 7.50 3.07
CA LEU B 44 20.77 6.15 3.41
C LEU B 44 22.01 6.12 4.31
N VAL B 45 22.97 7.01 4.03
CA VAL B 45 24.22 7.04 4.80
C VAL B 45 23.97 7.49 6.24
N GLU B 46 23.07 8.44 6.42
CA GLU B 46 22.71 8.89 7.76
C GLU B 46 21.67 7.97 8.36
N GLY B 47 20.91 7.31 7.51
CA GLY B 47 19.84 6.43 7.94
C GLY B 47 18.66 7.22 8.47
N SER B 48 18.15 8.15 7.66
CA SER B 48 17.07 9.01 8.11
C SER B 48 16.04 9.31 7.02
N MET B 49 14.86 9.74 7.44
CA MET B 49 13.81 10.20 6.55
C MET B 49 13.44 11.63 6.87
N THR B 50 13.15 12.43 5.85
CA THR B 50 12.80 13.82 6.08
C THR B 50 11.59 14.24 5.23
N VAL B 51 10.61 14.88 5.87
CA VAL B 51 9.45 15.41 5.17
C VAL B 51 9.41 16.93 5.30
N LYS B 52 9.15 17.60 4.17
CA LYS B 52 9.15 19.07 4.10
C LYS B 52 7.93 19.59 3.35
N THR B 53 7.52 20.81 3.71
CA THR B 53 6.49 21.52 2.95
C THR B 53 7.14 22.29 1.81
N THR B 54 6.37 22.60 0.78
CA THR B 54 6.89 23.33 -0.37
C THR B 54 6.15 24.65 -0.56
N ARG B 55 6.32 25.26 -1.74
CA ARG B 55 5.59 26.48 -2.06
C ARG B 55 4.20 26.14 -2.59
N LYS B 56 4.04 24.90 -3.05
CA LYS B 56 2.78 24.49 -3.68
C LYS B 56 1.97 23.54 -2.81
N THR B 57 2.22 23.54 -1.50
CA THR B 57 1.43 22.73 -0.58
C THR B 57 0.15 23.46 -0.20
N TYR B 58 -0.98 22.79 -0.40
CA TYR B 58 -2.29 23.38 -0.16
C TYR B 58 -2.52 23.67 1.33
N ASP B 59 -2.54 22.62 2.14
CA ASP B 59 -2.70 22.76 3.58
C ASP B 59 -1.45 22.29 4.32
N PRO B 60 -0.65 23.24 4.84
CA PRO B 60 0.62 22.94 5.51
C PRO B 60 0.46 21.99 6.69
N ALA B 61 -0.66 22.05 7.39
CA ALA B 61 -0.86 21.27 8.62
C ALA B 61 -0.65 19.77 8.42
N ILE B 62 -0.98 19.29 7.22
CA ILE B 62 -0.85 17.88 6.88
C ILE B 62 0.58 17.37 7.09
N ILE B 63 1.53 18.29 7.17
CA ILE B 63 2.93 17.92 7.41
C ILE B 63 3.03 17.12 8.70
N LEU B 64 2.25 17.51 9.71
CA LEU B 64 2.16 16.76 10.95
C LEU B 64 1.87 15.29 10.65
N LYS B 65 0.80 15.04 9.90
CA LYS B 65 0.47 13.68 9.48
C LYS B 65 1.67 13.04 8.78
N ALA B 66 2.26 13.78 7.85
CA ALA B 66 3.43 13.29 7.11
C ALA B 66 4.50 12.85 8.11
N ARG B 67 4.76 13.70 9.10
CA ARG B 67 5.71 13.36 10.14
C ARG B 67 5.36 11.99 10.70
N ASP B 68 4.13 11.87 11.21
CA ASP B 68 3.65 10.62 11.77
C ASP B 68 3.95 9.46 10.82
N LEU B 69 3.65 9.65 9.53
CA LEU B 69 3.87 8.62 8.53
C LEU B 69 5.28 8.06 8.65
N ILE B 70 6.28 8.93 8.51
CA ILE B 70 7.66 8.45 8.48
C ILE B 70 8.00 7.86 9.83
N LYS B 71 7.43 8.41 10.90
CA LYS B 71 7.65 7.87 12.23
C LYS B 71 7.21 6.42 12.23
N LEU B 72 5.99 6.17 11.77
CA LEU B 72 5.45 4.83 11.69
C LEU B 72 6.31 3.94 10.80
N LEU B 73 6.92 4.53 9.78
CA LEU B 73 7.76 3.75 8.86
C LEU B 73 9.08 3.36 9.53
N ALA B 74 9.53 4.19 10.48
CA ALA B 74 10.78 3.95 11.18
C ALA B 74 10.65 2.80 12.18
N ARG B 75 9.42 2.55 12.59
CA ARG B 75 9.14 1.55 13.62
C ARG B 75 8.46 0.31 13.05
N SER B 76 8.87 -0.06 11.84
CA SER B 76 8.50 -1.33 11.22
C SER B 76 7.01 -1.52 10.98
N VAL B 77 6.29 -0.42 10.84
CA VAL B 77 4.90 -0.50 10.41
C VAL B 77 4.85 -0.56 8.89
N PRO B 78 4.19 -1.59 8.35
CA PRO B 78 4.06 -1.76 6.90
C PRO B 78 3.48 -0.53 6.23
N PHE B 79 3.95 -0.21 5.03
CA PHE B 79 3.49 0.97 4.31
C PHE B 79 1.96 1.05 4.10
N PRO B 80 1.33 -0.04 3.59
CA PRO B 80 -0.11 0.05 3.30
C PRO B 80 -0.94 0.43 4.53
N GLN B 81 -0.50 -0.02 5.70
CA GLN B 81 -1.16 0.34 6.95
C GLN B 81 -0.79 1.77 7.34
N ALA B 82 0.44 2.16 7.02
CA ALA B 82 0.97 3.44 7.44
C ALA B 82 0.37 4.64 6.69
N VAL B 83 0.07 4.49 5.40
CA VAL B 83 -0.47 5.62 4.63
C VAL B 83 -1.84 6.07 5.13
N LYS B 84 -2.49 5.22 5.93
CA LYS B 84 -3.81 5.52 6.46
C LYS B 84 -3.78 6.74 7.38
N ILE B 85 -2.60 7.09 7.87
CA ILE B 85 -2.45 8.25 8.75
C ILE B 85 -2.68 9.55 7.98
N LEU B 86 -2.59 9.48 6.65
CA LEU B 86 -2.82 10.64 5.81
C LEU B 86 -4.31 10.92 5.66
N GLN B 87 -5.13 9.99 6.13
CA GLN B 87 -6.57 10.15 6.12
C GLN B 87 -7.02 11.05 7.27
N ASP B 88 -8.31 11.40 7.28
CA ASP B 88 -8.85 12.31 8.29
C ASP B 88 -9.16 11.61 9.61
N ASP B 89 -10.01 10.59 9.57
CA ASP B 89 -10.41 9.90 10.78
C ASP B 89 -9.36 8.89 11.23
N MET B 90 -8.11 9.33 11.28
CA MET B 90 -7.01 8.45 11.64
C MET B 90 -5.94 9.15 12.46
N ALA B 91 -5.71 8.64 13.66
CA ALA B 91 -4.65 9.16 14.51
C ALA B 91 -3.74 8.03 14.95
N CYS B 92 -2.52 8.37 15.36
CA CYS B 92 -1.55 7.36 15.75
C CYS B 92 -0.90 7.67 17.09
N ASP B 93 -0.14 6.72 17.61
CA ASP B 93 0.57 6.89 18.87
C ASP B 93 1.72 5.89 18.96
N VAL B 94 2.94 6.38 18.88
CA VAL B 94 4.11 5.52 19.03
C VAL B 94 4.59 5.56 20.48
N ILE B 95 4.33 4.48 21.21
CA ILE B 95 4.62 4.42 22.64
C ILE B 95 6.02 3.91 22.91
N LYS B 96 6.80 4.69 23.64
CA LYS B 96 8.14 4.28 24.04
C LYS B 96 8.07 3.43 25.31
N ILE B 97 8.68 2.25 25.27
CA ILE B 97 8.65 1.34 26.41
C ILE B 97 10.06 1.02 26.91
N GLY B 98 11.02 1.89 26.58
CA GLY B 98 12.41 1.66 26.92
C GLY B 98 12.76 1.98 28.36
N ASN B 99 12.32 3.12 28.86
CA ASN B 99 12.68 3.58 30.19
C ASN B 99 11.69 3.17 31.27
N PHE B 100 11.32 1.90 31.30
CA PHE B 100 10.49 1.37 32.38
C PHE B 100 11.29 0.40 33.22
N VAL B 101 12.09 -0.44 32.54
CA VAL B 101 12.95 -1.39 33.21
C VAL B 101 14.41 -1.08 32.91
N THR B 102 15.26 -1.16 33.93
CA THR B 102 16.70 -0.99 33.76
C THR B 102 17.30 -2.33 33.32
N ASN B 103 16.76 -3.41 33.86
CA ASN B 103 17.16 -4.76 33.49
C ASN B 103 16.66 -5.12 32.09
N LYS B 104 17.36 -6.02 31.41
CA LYS B 104 16.99 -6.43 30.06
C LYS B 104 16.06 -7.65 30.05
N GLU B 105 16.30 -8.58 30.96
CA GLU B 105 15.46 -9.77 31.08
C GLU B 105 14.02 -9.39 31.36
N ARG B 106 13.82 -8.60 32.42
CA ARG B 106 12.49 -8.20 32.87
C ARG B 106 11.73 -7.47 31.77
N PHE B 107 12.44 -6.63 31.03
CA PHE B 107 11.88 -5.89 29.91
C PHE B 107 11.28 -6.83 28.87
N VAL B 108 12.06 -7.85 28.51
CA VAL B 108 11.61 -8.87 27.58
C VAL B 108 10.44 -9.65 28.15
N LYS B 109 10.48 -9.92 29.44
CA LYS B 109 9.38 -10.60 30.12
C LYS B 109 8.08 -9.84 29.94
N ARG B 110 8.12 -8.55 30.23
CA ARG B 110 6.91 -7.74 30.24
C ARG B 110 6.42 -7.40 28.83
N ARG B 111 7.34 -7.22 27.89
CA ARG B 111 6.93 -7.00 26.50
C ARG B 111 6.32 -8.28 25.92
N GLN B 112 6.94 -9.42 26.23
CA GLN B 112 6.43 -10.72 25.81
C GLN B 112 5.07 -10.96 26.42
N ARG B 113 4.89 -10.50 27.66
CA ARG B 113 3.59 -10.57 28.32
C ARG B 113 2.61 -9.64 27.60
N LEU B 114 3.13 -8.56 27.04
CA LEU B 114 2.30 -7.60 26.32
C LEU B 114 1.81 -8.19 25.00
N VAL B 115 2.63 -8.99 24.33
CA VAL B 115 2.18 -9.62 23.08
C VAL B 115 1.54 -10.99 23.36
N GLY B 116 2.16 -11.79 24.23
CA GLY B 116 1.59 -13.05 24.65
C GLY B 116 1.77 -14.20 23.67
N PRO B 117 1.24 -15.38 24.03
CA PRO B 117 1.32 -16.60 23.22
C PRO B 117 0.65 -16.45 21.86
N ASN B 118 1.37 -16.78 20.79
CA ASN B 118 0.88 -16.63 19.42
C ASN B 118 0.38 -15.23 19.10
N GLY B 119 0.75 -14.25 19.91
CA GLY B 119 0.29 -12.89 19.75
C GLY B 119 -1.21 -12.76 19.92
N ASN B 120 -1.79 -13.65 20.72
CA ASN B 120 -3.24 -13.64 20.93
C ASN B 120 -3.71 -12.42 21.71
N THR B 121 -3.14 -12.21 22.90
CA THR B 121 -3.51 -11.09 23.76
C THR B 121 -3.41 -9.78 22.99
N LEU B 122 -2.26 -9.56 22.34
CA LEU B 122 -2.07 -8.43 21.43
C LEU B 122 -3.27 -8.30 20.50
N LYS B 123 -3.56 -9.37 19.75
CA LYS B 123 -4.69 -9.40 18.82
C LYS B 123 -5.98 -9.03 19.53
N ALA B 124 -6.17 -9.59 20.74
CA ALA B 124 -7.35 -9.29 21.54
C ALA B 124 -7.50 -7.78 21.72
N LEU B 125 -6.41 -7.12 22.11
CA LEU B 125 -6.40 -5.66 22.23
C LEU B 125 -6.88 -5.01 20.94
N GLU B 126 -6.34 -5.46 19.82
CA GLU B 126 -6.71 -4.92 18.52
C GLU B 126 -8.22 -5.02 18.27
N LEU B 127 -8.84 -6.09 18.77
CA LEU B 127 -10.26 -6.29 18.58
C LEU B 127 -11.12 -5.47 19.55
N LEU B 128 -10.55 -5.14 20.71
CA LEU B 128 -11.32 -4.47 21.75
C LEU B 128 -11.20 -2.95 21.68
N THR B 129 -10.03 -2.45 21.30
CA THR B 129 -9.82 -1.01 21.18
C THR B 129 -10.03 -0.54 19.74
N LYS B 130 -10.30 -1.49 18.85
CA LYS B 130 -10.51 -1.22 17.43
C LYS B 130 -9.33 -0.48 16.81
N CYS B 131 -8.12 -0.86 17.25
CA CYS B 131 -6.90 -0.22 16.76
C CYS B 131 -5.93 -1.23 16.15
N TYR B 132 -5.07 -0.72 15.27
CA TYR B 132 -3.94 -1.48 14.77
C TYR B 132 -2.76 -1.30 15.71
N ILE B 133 -2.21 -2.41 16.20
CA ILE B 133 -1.10 -2.35 17.16
C ILE B 133 0.08 -3.18 16.67
N LEU B 134 1.28 -2.61 16.75
CA LEU B 134 2.49 -3.32 16.37
C LEU B 134 3.62 -3.11 17.38
N VAL B 135 4.12 -4.22 17.92
CA VAL B 135 5.22 -4.19 18.87
C VAL B 135 6.55 -4.41 18.16
N GLN B 136 7.49 -3.49 18.36
CA GLN B 136 8.80 -3.60 17.74
C GLN B 136 9.90 -2.97 18.57
N GLY B 137 10.86 -3.79 19.00
CA GLY B 137 11.99 -3.31 19.77
C GLY B 137 11.62 -2.57 21.03
N ASN B 138 11.83 -1.25 21.00
CA ASN B 138 11.56 -0.41 22.16
C ASN B 138 10.26 0.38 22.05
N THR B 139 9.46 0.08 21.04
CA THR B 139 8.23 0.83 20.82
C THR B 139 7.02 -0.03 20.52
N VAL B 140 5.84 0.53 20.80
CA VAL B 140 4.57 -0.05 20.41
C VAL B 140 3.77 1.00 19.63
N SER B 141 3.67 0.80 18.32
CA SER B 141 2.98 1.75 17.45
C SER B 141 1.50 1.41 17.32
N ALA B 142 0.65 2.39 17.54
CA ALA B 142 -0.79 2.19 17.47
C ALA B 142 -1.44 3.16 16.48
N MET B 143 -2.55 2.73 15.87
CA MET B 143 -3.26 3.53 14.90
C MET B 143 -4.75 3.28 14.95
N GLY B 144 -5.54 4.35 15.02
CA GLY B 144 -6.99 4.22 15.02
C GLY B 144 -7.70 5.35 15.75
N PRO B 145 -8.91 5.06 16.26
CA PRO B 145 -9.73 6.03 16.99
C PRO B 145 -9.03 6.52 18.25
N PHE B 146 -9.21 7.80 18.55
CA PHE B 146 -8.51 8.47 19.64
C PHE B 146 -8.74 7.80 20.99
N LYS B 147 -10.00 7.45 21.25
CA LYS B 147 -10.37 6.75 22.47
C LYS B 147 -9.64 5.42 22.61
N GLY B 148 -9.73 4.61 21.55
CA GLY B 148 -9.06 3.33 21.52
C GLY B 148 -7.56 3.49 21.68
N LEU B 149 -7.01 4.58 21.15
CA LEU B 149 -5.59 4.87 21.31
C LEU B 149 -5.25 5.13 22.77
N LYS B 150 -6.10 5.92 23.42
CA LYS B 150 -5.92 6.18 24.85
C LYS B 150 -5.91 4.87 25.62
N GLU B 151 -6.87 3.99 25.32
CA GLU B 151 -6.93 2.69 25.98
C GLU B 151 -5.68 1.85 25.71
N VAL B 152 -5.18 1.88 24.47
CA VAL B 152 -3.99 1.11 24.12
C VAL B 152 -2.79 1.61 24.91
N ARG B 153 -2.60 2.92 24.96
CA ARG B 153 -1.50 3.50 25.72
C ARG B 153 -1.61 3.14 27.20
N ARG B 154 -2.85 3.16 27.71
CA ARG B 154 -3.10 2.81 29.10
C ARG B 154 -2.65 1.37 29.38
N VAL B 155 -3.07 0.45 28.50
CA VAL B 155 -2.73 -0.96 28.65
C VAL B 155 -1.22 -1.21 28.54
N VAL B 156 -0.60 -0.63 27.52
CA VAL B 156 0.83 -0.83 27.28
C VAL B 156 1.67 -0.27 28.42
N GLU B 157 1.40 0.98 28.80
CA GLU B 157 2.14 1.60 29.89
C GLU B 157 1.94 0.86 31.21
N ASP B 158 0.71 0.44 31.48
CA ASP B 158 0.45 -0.30 32.71
C ASP B 158 0.93 -1.75 32.64
N CYS B 159 1.33 -2.20 31.45
CA CYS B 159 1.86 -3.55 31.30
C CYS B 159 3.38 -3.56 31.41
N MET B 160 4.01 -2.47 30.98
CA MET B 160 5.45 -2.34 31.13
C MET B 160 5.80 -2.13 32.60
N LYS B 161 4.85 -1.58 33.35
CA LYS B 161 4.87 -1.69 34.80
C LYS B 161 4.15 -2.99 35.14
N ASN B 162 4.48 -3.59 36.27
CA ASN B 162 4.13 -5.00 36.51
C ASN B 162 2.64 -5.33 36.63
N ILE B 163 1.78 -4.43 36.16
CA ILE B 163 0.34 -4.69 36.17
C ILE B 163 -0.07 -5.51 34.95
N HIS B 164 -0.62 -6.70 35.20
CA HIS B 164 -0.97 -7.64 34.13
C HIS B 164 -2.15 -7.16 33.29
N PRO B 165 -2.06 -7.34 31.96
CA PRO B 165 -3.08 -6.91 30.99
C PRO B 165 -4.46 -7.57 31.16
N ILE B 166 -4.52 -8.66 31.93
CA ILE B 166 -5.74 -9.45 32.04
C ILE B 166 -6.90 -8.63 32.61
N TYR B 167 -6.59 -7.78 33.59
CA TYR B 167 -7.60 -6.92 34.21
C TYR B 167 -8.19 -5.97 33.17
N HIS B 168 -7.31 -5.36 32.38
CA HIS B 168 -7.72 -4.44 31.33
C HIS B 168 -8.58 -5.12 30.28
N ILE B 169 -8.12 -6.27 29.79
CA ILE B 169 -8.84 -7.00 28.76
C ILE B 169 -10.23 -7.40 29.26
N LYS B 170 -10.29 -7.89 30.49
CA LYS B 170 -11.56 -8.23 31.13
C LYS B 170 -12.49 -7.02 31.18
N GLU B 171 -11.95 -5.89 31.64
CA GLU B 171 -12.71 -4.66 31.74
C GLU B 171 -13.31 -4.25 30.40
N LEU B 172 -12.46 -4.19 29.37
CA LEU B 172 -12.91 -3.80 28.03
C LEU B 172 -13.95 -4.78 27.49
N MET B 173 -13.78 -6.07 27.79
CA MET B 173 -14.74 -7.08 27.36
C MET B 173 -16.11 -6.81 27.98
N ILE B 174 -16.11 -6.57 29.29
CA ILE B 174 -17.34 -6.26 30.01
C ILE B 174 -18.00 -5.00 29.45
N LYS B 175 -17.21 -3.95 29.21
CA LYS B 175 -17.74 -2.73 28.62
C LYS B 175 -18.40 -3.00 27.27
N ARG B 176 -17.72 -3.75 26.43
CA ARG B 176 -18.23 -4.13 25.13
C ARG B 176 -19.59 -4.85 25.23
N GLU B 177 -19.65 -5.86 26.09
CA GLU B 177 -20.88 -6.63 26.23
C GLU B 177 -22.00 -5.77 26.83
N LEU B 178 -21.63 -4.80 27.66
CA LEU B 178 -22.60 -3.86 28.20
C LEU B 178 -23.16 -2.97 27.09
N ALA B 179 -22.30 -2.60 26.15
CA ALA B 179 -22.73 -1.78 25.01
C ALA B 179 -23.61 -2.57 24.05
N LYS B 180 -23.35 -3.88 23.98
CA LYS B 180 -24.12 -4.76 23.08
C LYS B 180 -25.61 -4.73 23.37
N ARG B 181 -25.95 -4.87 24.65
CA ARG B 181 -27.33 -4.91 25.18
C ARG B 181 -28.46 -4.94 24.16
N PRO C 1 7.43 -15.62 43.98
CA PRO C 1 7.78 -14.20 43.82
C PRO C 1 7.20 -13.62 42.53
N GLU C 2 6.98 -14.47 41.54
CA GLU C 2 6.42 -14.05 40.26
C GLU C 2 5.40 -15.04 39.74
N ALA C 3 5.02 -15.99 40.60
CA ALA C 3 4.02 -16.99 40.24
C ALA C 3 2.65 -16.33 40.06
N GLU C 4 2.50 -15.15 40.63
CA GLU C 4 1.30 -14.33 40.48
C GLU C 4 1.04 -14.00 39.01
N ASN C 5 2.04 -13.43 38.35
CA ASN C 5 1.89 -13.05 36.94
C ASN C 5 1.85 -14.26 36.00
N LEU C 6 2.43 -15.38 36.42
CA LEU C 6 2.36 -16.60 35.63
C LEU C 6 0.94 -17.15 35.69
N GLN C 7 0.39 -17.19 36.90
CA GLN C 7 -0.99 -17.60 37.10
C GLN C 7 -1.93 -16.67 36.33
N ASN C 8 -1.60 -15.39 36.30
CA ASN C 8 -2.36 -14.44 35.50
C ASN C 8 -2.23 -14.73 34.01
N ASP C 9 -1.05 -15.18 33.60
CA ASP C 9 -0.84 -15.57 32.20
C ASP C 9 -1.76 -16.74 31.85
N LEU C 10 -1.83 -17.71 32.76
CA LEU C 10 -2.72 -18.86 32.57
C LEU C 10 -4.20 -18.45 32.51
N GLU C 11 -4.64 -17.63 33.46
CA GLU C 11 -6.04 -17.21 33.52
C GLU C 11 -6.41 -16.36 32.31
N LEU C 12 -5.43 -15.63 31.78
CA LEU C 12 -5.64 -14.80 30.60
C LEU C 12 -5.78 -15.71 29.37
N GLN C 13 -4.87 -16.67 29.25
CA GLN C 13 -4.88 -17.63 28.16
C GLN C 13 -6.18 -18.45 28.15
N GLN C 14 -6.75 -18.67 29.32
CA GLN C 14 -8.03 -19.38 29.43
C GLN C 14 -9.19 -18.47 29.09
N PHE C 15 -9.16 -17.25 29.62
CA PHE C 15 -10.23 -16.27 29.45
C PHE C 15 -10.42 -15.88 28.00
N LEU C 16 -9.32 -15.76 27.25
CA LEU C 16 -9.42 -15.47 25.82
C LEU C 16 -10.12 -16.63 25.10
N ARG C 17 -9.82 -17.84 25.54
CA ARG C 17 -10.39 -19.03 24.93
C ARG C 17 -11.84 -19.22 25.37
N GLU C 18 -12.11 -18.90 26.63
CA GLU C 18 -13.43 -19.05 27.21
C GLU C 18 -14.42 -18.01 26.66
N SER C 19 -13.87 -16.95 26.09
CA SER C 19 -14.69 -15.87 25.55
C SER C 19 -14.79 -15.95 24.03
N HIS C 20 -13.64 -15.84 23.38
CA HIS C 20 -13.52 -15.86 21.92
C HIS C 20 -14.51 -14.91 21.27
N PRO D 1 6.60 11.89 -46.06
CA PRO D 1 6.18 10.53 -45.71
C PRO D 1 5.70 10.44 -44.27
N GLU D 2 6.66 10.42 -43.35
CA GLU D 2 6.37 10.37 -41.92
C GLU D 2 6.34 11.77 -41.34
N ALA D 3 6.15 12.76 -42.20
CA ALA D 3 5.99 14.15 -41.76
C ALA D 3 4.63 14.33 -41.13
N GLU D 4 3.72 13.42 -41.46
CA GLU D 4 2.36 13.42 -40.91
C GLU D 4 2.39 13.20 -39.41
N ASN D 5 3.07 12.15 -38.98
CA ASN D 5 3.22 11.84 -37.56
C ASN D 5 3.98 12.94 -36.83
N LEU D 6 5.03 13.46 -37.45
CA LEU D 6 5.83 14.52 -36.84
C LEU D 6 5.00 15.79 -36.67
N GLN D 7 4.10 16.04 -37.61
CA GLN D 7 3.20 17.18 -37.52
C GLN D 7 2.18 16.97 -36.40
N ASN D 8 1.63 15.76 -36.35
CA ASN D 8 0.63 15.42 -35.33
C ASN D 8 1.20 15.45 -33.91
N ASP D 9 2.49 15.16 -33.77
CA ASP D 9 3.12 15.21 -32.45
C ASP D 9 3.14 16.64 -31.91
N LEU D 10 3.60 17.57 -32.75
CA LEU D 10 3.65 18.99 -32.40
C LEU D 10 2.24 19.54 -32.17
N GLU D 11 1.32 19.13 -33.05
CA GLU D 11 -0.07 19.55 -32.94
C GLU D 11 -0.68 19.12 -31.62
N LEU D 12 -0.49 17.84 -31.27
CA LEU D 12 -1.00 17.29 -30.03
C LEU D 12 -0.37 17.98 -28.82
N GLN D 13 0.92 18.25 -28.92
CA GLN D 13 1.65 18.95 -27.88
C GLN D 13 1.04 20.32 -27.59
N GLN D 14 0.89 21.13 -28.64
CA GLN D 14 0.32 22.46 -28.50
C GLN D 14 -1.12 22.41 -28.02
N PHE D 15 -1.89 21.48 -28.55
CA PHE D 15 -3.29 21.31 -28.16
C PHE D 15 -3.41 21.00 -26.68
N LEU D 16 -2.52 20.15 -26.18
CA LEU D 16 -2.50 19.83 -24.76
C LEU D 16 -2.05 21.02 -23.94
N ARG D 17 -1.18 21.84 -24.52
CA ARG D 17 -0.74 23.06 -23.85
C ARG D 17 -1.86 24.07 -23.75
N GLU D 18 -2.70 24.11 -24.78
CA GLU D 18 -3.74 25.14 -24.88
C GLU D 18 -5.08 24.70 -24.29
N SER D 19 -5.09 23.57 -23.59
CA SER D 19 -6.31 23.04 -23.01
C SER D 19 -6.28 23.08 -21.49
N HIS D 20 -5.10 22.86 -20.92
CA HIS D 20 -4.92 22.90 -19.48
C HIS D 20 -4.33 24.23 -19.01
#